data_3ATT
#
_entry.id   3ATT
#
_cell.length_a   55.876
_cell.length_b   62.104
_cell.length_c   103.265
_cell.angle_alpha   90.00
_cell.angle_beta   90.00
_cell.angle_gamma   90.00
#
_symmetry.space_group_name_H-M   'P 21 21 21'
#
loop_
_entity.id
_entity.type
_entity.pdbx_description
1 polymer 'Putative uncharacterized protein'
2 non-polymer 'MAGNESIUM ION'
3 non-polymer 'CALCIUM ION'
4 non-polymer 'ACETATE ION'
5 non-polymer GLYCEROL
6 non-polymer "ADENOSINE-5'-TRIPHOSPHATE"
7 water water
#
_entity_poly.entity_id   1
_entity_poly.type   'polypeptide(L)'
_entity_poly.pdbx_seq_one_letter_code
;TLPAVISRWLSSVLPGGAAPEVTVESGVDSTGMSSETIILTARWQQDGRSIQQKLVARVAPAAEDVPVFPTYRLDHQFEV
IRLVGELTDVPVPRVRWIETTGDVLGTPFFLMDYVEGVVPPDVMPYTFGDNWFADAPAERQRQLQDATVAALATLHSIPN
AQNTFSFLTQGRTSDTTLHRHFNWVRSWYDFAVEGIGRSPLLERTFEWLQSHWPDDAAAREPVLLWGDARVGNVLYRDFQ
PVAVLDWEMVALGPRELDVAWMIFAHRVFQELAGLATLPGLPEVMREDDVRATYQALTGVELGDLHWFYVYSGVMWACVF
MRTGARRVHFGEIEKPDDVESLFYHAGLMKHLLGEEH
;
_entity_poly.pdbx_strand_id   A
#
# COMPACT_ATOMS: atom_id res chain seq x y z
N THR A 1 25.42 8.27 0.29
CA THR A 1 24.81 9.40 -0.55
C THR A 1 23.38 9.76 -0.15
N LEU A 2 22.46 8.81 -0.05
CA LEU A 2 21.23 9.09 0.71
C LEU A 2 21.58 9.61 2.14
N PRO A 3 22.43 8.89 2.89
CA PRO A 3 22.85 9.38 4.20
C PRO A 3 23.56 10.73 4.16
N ALA A 4 24.43 10.95 3.16
CA ALA A 4 25.13 12.21 3.06
C ALA A 4 24.09 13.34 2.91
N VAL A 5 23.08 13.07 2.09
CA VAL A 5 22.06 14.05 1.82
C VAL A 5 21.24 14.35 3.10
N ILE A 6 20.95 13.33 3.87
CA ILE A 6 20.09 13.59 5.01
C ILE A 6 20.92 14.31 6.07
N SER A 7 22.23 14.04 6.04
CA SER A 7 23.16 14.58 6.99
C SER A 7 23.21 16.05 6.71
N ARG A 8 23.38 16.40 5.43
CA ARG A 8 23.33 17.77 5.01
C ARG A 8 22.08 18.54 5.39
N TRP A 9 20.92 17.93 5.15
CA TRP A 9 19.69 18.62 5.47
C TRP A 9 19.65 18.84 6.99
N LEU A 10 20.02 17.79 7.70
CA LEU A 10 20.20 17.86 9.16
C LEU A 10 21.11 19.04 9.56
N SER A 11 22.25 19.21 8.87
CA SER A 11 23.14 20.32 9.19
C SER A 11 22.47 21.68 9.00
N SER A 12 21.62 21.79 7.97
CA SER A 12 20.82 23.02 7.78
C SER A 12 19.68 23.30 8.80
N VAL A 13 19.19 22.32 9.53
CA VAL A 13 18.06 22.60 10.45
C VAL A 13 18.40 22.51 11.92
N LEU A 14 19.52 21.86 12.28
CA LEU A 14 19.95 21.78 13.68
C LEU A 14 21.00 22.86 14.04
N PRO A 15 21.18 23.13 15.33
CA PRO A 15 22.21 24.14 15.73
C PRO A 15 23.55 23.85 15.08
N GLY A 16 24.33 24.90 14.77
CA GLY A 16 25.71 24.72 14.26
C GLY A 16 26.48 23.94 15.33
N GLY A 17 27.42 23.08 14.96
CA GLY A 17 28.05 22.27 16.03
C GLY A 17 27.31 20.98 16.42
N ALA A 18 26.05 20.80 15.99
CA ALA A 18 25.37 19.49 16.03
C ALA A 18 26.16 18.33 15.37
N ALA A 19 26.82 18.66 14.23
CA ALA A 19 27.65 17.76 13.42
C ALA A 19 26.99 16.43 13.13
N PRO A 20 25.81 16.41 12.50
CA PRO A 20 25.08 15.12 12.45
C PRO A 20 25.77 14.05 11.59
N GLU A 21 25.60 12.78 11.98
CA GLU A 21 26.10 11.61 11.25
C GLU A 21 24.90 10.67 10.99
N VAL A 22 24.76 10.30 9.71
CA VAL A 22 23.64 9.48 9.28
C VAL A 22 24.20 8.21 8.65
N THR A 23 23.61 7.11 9.05
CA THR A 23 23.96 5.81 8.49
C THR A 23 22.67 5.05 8.17
N VAL A 24 22.76 3.99 7.37
CA VAL A 24 21.58 3.22 7.01
C VAL A 24 21.35 2.10 7.96
N GLU A 25 20.21 2.05 8.60
CA GLU A 25 19.81 0.88 9.33
C GLU A 25 19.39 -0.27 8.44
N SER A 26 18.61 0.03 7.41
CA SER A 26 17.92 -0.96 6.63
C SER A 26 17.45 -0.44 5.29
N GLY A 27 18.18 -0.77 4.23
CA GLY A 27 17.85 -0.43 2.87
C GLY A 27 17.35 -1.52 1.93
N VAL A 28 17.15 -2.72 2.44
CA VAL A 28 16.65 -3.86 1.70
C VAL A 28 15.61 -4.65 2.51
N ASP A 29 14.76 -5.41 1.83
CA ASP A 29 13.80 -6.27 2.53
C ASP A 29 14.49 -7.59 3.00
N SER A 30 13.72 -8.46 3.65
CA SER A 30 14.32 -9.64 4.27
C SER A 30 14.74 -10.68 3.22
N THR A 31 14.71 -10.33 1.94
CA THR A 31 15.16 -11.23 0.89
C THR A 31 16.26 -10.56 0.12
N GLY A 32 16.76 -9.47 0.70
CA GLY A 32 17.90 -8.73 0.15
C GLY A 32 17.59 -7.91 -1.08
N MET A 33 16.30 -7.66 -1.31
CA MET A 33 15.96 -6.80 -2.47
C MET A 33 15.98 -5.33 -2.00
N SER A 34 16.57 -4.44 -2.81
CA SER A 34 16.74 -3.05 -2.38
C SER A 34 15.33 -2.45 -2.27
N SER A 35 15.17 -1.61 -1.26
CA SER A 35 13.89 -1.17 -0.84
C SER A 35 13.69 0.27 -1.26
N GLU A 36 12.43 0.66 -1.47
CA GLU A 36 12.08 2.05 -1.67
C GLU A 36 11.98 2.80 -0.32
N THR A 37 11.62 2.05 0.73
CA THR A 37 11.58 2.62 2.06
C THR A 37 12.87 2.31 2.85
N ILE A 38 13.59 3.36 3.25
CA ILE A 38 14.90 3.17 3.81
C ILE A 38 14.93 3.73 5.23
N ILE A 39 15.29 2.88 6.17
CA ILE A 39 15.39 3.31 7.58
C ILE A 39 16.83 3.82 7.89
N LEU A 40 16.91 5.04 8.41
CA LEU A 40 18.20 5.74 8.62
C LEU A 40 18.32 6.05 10.11
N THR A 41 19.57 6.14 10.57
CA THR A 41 19.82 6.57 11.93
C THR A 41 20.63 7.82 11.87
N ALA A 42 20.13 8.84 12.55
CA ALA A 42 20.82 10.14 12.65
C ALA A 42 21.32 10.30 14.08
N ARG A 43 22.64 10.59 14.19
CA ARG A 43 23.27 10.91 15.48
C ARG A 43 23.81 12.31 15.48
N TRP A 44 23.48 13.10 16.52
CA TRP A 44 24.11 14.40 16.69
C TRP A 44 24.33 14.83 18.14
N GLN A 45 25.08 15.93 18.31
CA GLN A 45 25.44 16.46 19.66
C GLN A 45 24.54 17.63 19.98
N GLN A 46 24.06 17.76 21.19
CA GLN A 46 23.34 18.92 21.57
C GLN A 46 23.60 19.16 23.05
N ASP A 47 24.20 20.34 23.35
CA ASP A 47 24.54 20.73 24.72
C ASP A 47 25.47 19.62 25.31
N GLY A 48 26.46 19.18 24.52
CA GLY A 48 27.37 18.13 24.97
C GLY A 48 26.77 16.73 25.11
N ARG A 49 25.53 16.53 24.70
CA ARG A 49 25.07 15.15 24.76
C ARG A 49 24.65 14.63 23.37
N SER A 50 24.68 13.31 23.20
CA SER A 50 24.26 12.62 21.97
C SER A 50 22.75 12.48 21.87
N ILE A 51 22.22 12.92 20.73
CA ILE A 51 20.80 12.71 20.37
C ILE A 51 20.83 11.66 19.24
N GLN A 52 19.83 10.78 19.24
CA GLN A 52 19.77 9.78 18.18
C GLN A 52 18.34 9.60 17.73
N GLN A 53 18.13 9.77 16.42
CA GLN A 53 16.78 9.73 15.82
C GLN A 53 16.76 8.76 14.64
N LYS A 54 15.68 7.96 14.55
CA LYS A 54 15.52 7.17 13.32
C LYS A 54 14.66 7.97 12.35
N LEU A 55 15.04 7.92 11.08
CA LEU A 55 14.33 8.61 10.02
C LEU A 55 13.97 7.59 8.91
N VAL A 56 12.82 7.78 8.26
CA VAL A 56 12.48 6.88 7.13
C VAL A 56 12.39 7.69 5.83
N ALA A 57 13.19 7.27 4.83
CA ALA A 57 13.13 7.86 3.54
C ALA A 57 12.31 6.97 2.62
N ARG A 58 11.45 7.59 1.84
CA ARG A 58 10.80 6.94 0.73
C ARG A 58 11.37 7.55 -0.56
N VAL A 59 12.02 6.72 -1.37
CA VAL A 59 12.74 7.16 -2.57
C VAL A 59 11.99 6.61 -3.81
N ALA A 60 11.95 7.38 -4.88
CA ALA A 60 11.32 6.97 -6.17
C ALA A 60 12.28 6.09 -6.91
N PRO A 61 11.84 4.96 -7.41
CA PRO A 61 12.72 4.04 -8.10
C PRO A 61 13.21 4.54 -9.46
N ALA A 62 14.37 4.06 -9.87
CA ALA A 62 14.85 4.36 -11.20
C ALA A 62 14.43 3.26 -12.17
N ALA A 63 14.52 3.54 -13.43
CA ALA A 63 14.09 2.56 -14.38
C ALA A 63 14.81 1.26 -14.18
N GLU A 64 16.08 1.35 -13.84
CA GLU A 64 16.97 0.21 -13.80
C GLU A 64 16.56 -0.78 -12.75
N ASP A 65 15.65 -0.33 -11.92
CA ASP A 65 15.14 -0.99 -10.70
C ASP A 65 13.91 -1.90 -10.97
N VAL A 66 13.35 -1.78 -12.18
CA VAL A 66 12.05 -2.37 -12.54
C VAL A 66 10.91 -1.91 -11.58
N PRO A 67 10.52 -0.61 -11.69
CA PRO A 67 9.51 -0.01 -10.82
C PRO A 67 8.16 -0.72 -11.02
N VAL A 68 7.42 -0.92 -9.94
CA VAL A 68 6.03 -1.42 -10.03
C VAL A 68 5.13 -0.51 -10.90
N PHE A 69 5.27 0.81 -10.76
CA PHE A 69 4.35 1.75 -11.32
C PHE A 69 4.94 2.53 -12.48
N PRO A 70 4.09 2.89 -13.47
CA PRO A 70 4.55 3.65 -14.65
C PRO A 70 5.00 5.05 -14.30
N THR A 71 4.38 5.67 -13.30
CA THR A 71 4.85 6.97 -12.79
C THR A 71 4.73 7.14 -11.26
N TYR A 72 5.49 8.12 -10.72
CA TYR A 72 5.62 8.37 -9.29
C TYR A 72 5.34 9.83 -8.93
N ARG A 73 4.51 10.03 -7.93
CA ARG A 73 4.24 11.34 -7.39
C ARG A 73 4.39 11.31 -5.90
N LEU A 74 5.65 11.28 -5.46
CA LEU A 74 5.91 11.25 -3.99
C LEU A 74 5.41 12.53 -3.30
N ASP A 75 5.45 13.60 -4.07
CA ASP A 75 4.87 14.87 -3.57
C ASP A 75 3.41 14.71 -3.18
N HIS A 76 2.66 13.93 -3.97
CA HIS A 76 1.25 13.62 -3.59
C HIS A 76 1.12 12.78 -2.36
N GLN A 77 2.01 11.80 -2.24
CA GLN A 77 2.02 10.91 -1.09
C GLN A 77 2.34 11.74 0.15
N PHE A 78 3.37 12.59 0.02
CA PHE A 78 3.74 13.57 1.08
C PHE A 78 2.55 14.40 1.61
N GLU A 79 1.87 15.08 0.69
CA GLU A 79 0.80 15.98 1.03
C GLU A 79 -0.39 15.24 1.59
N VAL A 80 -0.71 14.06 1.02
CA VAL A 80 -1.80 13.28 1.61
C VAL A 80 -1.52 12.85 3.06
N ILE A 81 -0.31 12.34 3.30
CA ILE A 81 0.01 11.87 4.68
C ILE A 81 -0.05 13.07 5.65
N ARG A 82 0.54 14.20 5.20
CA ARG A 82 0.51 15.45 6.01
C ARG A 82 -0.96 15.85 6.28
N LEU A 83 -1.78 15.93 5.23
CA LEU A 83 -3.22 16.29 5.41
C LEU A 83 -4.00 15.35 6.27
N VAL A 84 -3.71 14.05 6.17
CA VAL A 84 -4.37 13.07 7.02
C VAL A 84 -3.99 13.33 8.49
N GLY A 85 -2.74 13.71 8.72
CA GLY A 85 -2.30 14.01 10.10
C GLY A 85 -2.99 15.26 10.70
N GLU A 86 -3.17 16.26 9.85
CA GLU A 86 -3.73 17.56 10.20
C GLU A 86 -5.22 17.43 10.46
N LEU A 87 -5.93 16.67 9.62
CA LEU A 87 -7.40 16.63 9.61
C LEU A 87 -8.10 15.50 10.33
N THR A 88 -7.37 14.47 10.79
CA THR A 88 -8.04 13.31 11.40
C THR A 88 -7.25 12.83 12.58
N ASP A 89 -7.67 11.86 13.32
CA ASP A 89 -6.79 11.26 14.25
C ASP A 89 -6.36 9.90 13.73
N VAL A 90 -6.53 9.67 12.45
CA VAL A 90 -5.80 8.47 11.92
C VAL A 90 -4.28 8.63 12.13
N PRO A 91 -3.66 7.68 12.85
CA PRO A 91 -2.20 7.73 13.12
C PRO A 91 -1.36 7.58 11.84
N VAL A 92 -0.55 8.59 11.52
CA VAL A 92 0.38 8.46 10.37
C VAL A 92 1.74 9.00 10.83
N PRO A 93 2.84 8.73 10.07
CA PRO A 93 4.11 9.26 10.57
C PRO A 93 4.16 10.78 10.31
N ARG A 94 4.87 11.54 11.16
CA ARG A 94 5.06 12.98 10.83
C ARG A 94 5.98 13.08 9.65
N VAL A 95 5.65 13.87 8.62
CA VAL A 95 6.55 14.03 7.47
C VAL A 95 7.55 15.13 7.75
N ARG A 96 8.74 15.12 7.12
CA ARG A 96 9.78 16.04 7.53
C ARG A 96 10.29 16.87 6.42
N TRP A 97 10.45 16.31 5.24
CA TRP A 97 11.06 17.03 4.17
C TRP A 97 10.69 16.32 2.91
N ILE A 98 10.34 17.07 1.88
CA ILE A 98 10.17 16.47 0.52
C ILE A 98 11.19 17.17 -0.39
N GLU A 99 11.85 16.40 -1.23
CA GLU A 99 12.72 16.98 -2.23
C GLU A 99 12.11 16.58 -3.55
N THR A 100 11.38 17.49 -4.19
CA THR A 100 10.56 17.11 -5.35
C THR A 100 11.33 17.13 -6.65
N THR A 101 12.53 17.71 -6.70
CA THR A 101 13.27 17.88 -7.99
C THR A 101 13.97 16.64 -8.49
N GLY A 102 14.40 15.77 -7.57
CA GLY A 102 15.36 14.71 -7.93
C GLY A 102 16.79 15.21 -8.23
N ASP A 103 17.03 16.51 -8.11
CA ASP A 103 18.40 17.03 -8.28
C ASP A 103 19.35 16.60 -7.16
N VAL A 104 18.84 16.25 -5.99
CA VAL A 104 19.74 15.94 -4.86
C VAL A 104 20.21 14.51 -4.93
N LEU A 105 19.31 13.57 -5.20
CA LEU A 105 19.66 12.18 -5.13
C LEU A 105 19.70 11.52 -6.44
N GLY A 106 19.04 12.11 -7.42
CA GLY A 106 18.86 11.50 -8.73
C GLY A 106 17.38 11.32 -9.00
N THR A 107 16.62 11.18 -7.93
CA THR A 107 15.22 10.84 -8.00
C THR A 107 14.58 11.53 -6.80
N PRO A 108 13.30 11.90 -6.89
CA PRO A 108 12.56 12.45 -5.78
C PRO A 108 12.55 11.55 -4.55
N PHE A 109 12.43 12.13 -3.36
CA PHE A 109 12.28 11.39 -2.09
C PHE A 109 11.59 12.24 -1.07
N PHE A 110 11.00 11.64 -0.04
CA PHE A 110 10.60 12.41 1.13
C PHE A 110 11.06 11.71 2.40
N LEU A 111 11.03 12.39 3.53
CA LEU A 111 11.56 11.91 4.82
C LEU A 111 10.48 11.94 5.84
N MET A 112 10.45 10.95 6.71
CA MET A 112 9.39 10.83 7.68
C MET A 112 10.01 10.57 9.01
N ASP A 113 9.30 10.74 10.12
CA ASP A 113 9.84 10.24 11.37
C ASP A 113 9.57 8.73 11.37
N TYR A 114 10.39 8.04 12.15
CA TYR A 114 10.20 6.63 12.50
C TYR A 114 9.12 6.50 13.57
N VAL A 115 8.29 5.47 13.39
CA VAL A 115 7.26 5.13 14.35
C VAL A 115 7.58 3.71 14.74
N GLU A 116 7.60 3.43 16.04
CA GLU A 116 7.89 2.07 16.44
C GLU A 116 6.62 1.22 16.53
N GLY A 117 6.77 -0.05 16.18
CA GLY A 117 5.61 -0.92 16.20
C GLY A 117 5.88 -2.11 15.32
N VAL A 118 4.89 -2.99 15.24
CA VAL A 118 5.05 -4.22 14.49
C VAL A 118 3.98 -4.26 13.35
N VAL A 119 4.33 -4.97 12.28
CA VAL A 119 3.46 -5.11 11.13
C VAL A 119 3.15 -6.57 10.85
N PRO A 120 1.86 -6.91 10.53
CA PRO A 120 1.61 -8.34 10.20
C PRO A 120 2.35 -8.64 8.89
N PRO A 121 3.18 -9.69 8.86
CA PRO A 121 4.19 -9.72 7.83
C PRO A 121 3.71 -10.13 6.44
N ASP A 122 4.42 -9.65 5.40
CA ASP A 122 4.27 -10.13 4.06
C ASP A 122 5.18 -11.32 3.77
N VAL A 123 6.32 -11.40 4.47
CA VAL A 123 7.23 -12.50 4.23
C VAL A 123 7.61 -13.14 5.55
N MET A 124 7.22 -14.40 5.76
CA MET A 124 6.22 -15.10 4.94
C MET A 124 4.85 -14.46 5.24
N PRO A 125 3.88 -14.61 4.34
CA PRO A 125 2.53 -14.06 4.56
C PRO A 125 2.10 -14.46 5.96
N TYR A 126 1.51 -13.55 6.69
CA TYR A 126 1.13 -13.74 8.10
C TYR A 126 0.17 -14.89 8.28
N THR A 127 -0.48 -15.28 7.17
CA THR A 127 -1.42 -16.40 7.18
C THR A 127 -0.66 -17.71 7.34
N PHE A 128 0.65 -17.71 7.03
CA PHE A 128 1.54 -18.87 7.33
C PHE A 128 1.78 -19.18 8.81
N GLY A 129 1.21 -18.39 9.73
CA GLY A 129 1.45 -18.59 11.17
C GLY A 129 2.87 -18.24 11.60
N ASP A 130 3.21 -18.51 12.87
CA ASP A 130 4.56 -18.18 13.39
C ASP A 130 4.95 -16.71 13.29
N ASN A 131 4.06 -15.82 13.74
CA ASN A 131 4.33 -14.42 13.84
C ASN A 131 3.36 -13.94 14.90
N TRP A 132 3.60 -12.72 15.37
CA TRP A 132 2.84 -12.13 16.49
C TRP A 132 1.31 -11.93 16.24
N PHE A 133 0.96 -11.72 14.97
CA PHE A 133 -0.45 -11.56 14.61
C PHE A 133 -1.15 -12.92 14.46
N ALA A 134 -0.62 -13.80 13.62
CA ALA A 134 -1.21 -15.14 13.50
C ALA A 134 -1.32 -15.87 14.87
N ASP A 135 -0.30 -15.72 15.72
CA ASP A 135 -0.31 -16.36 17.06
C ASP A 135 -1.08 -15.64 18.17
N ALA A 136 -1.71 -14.49 17.92
CA ALA A 136 -2.44 -13.83 18.96
C ALA A 136 -3.78 -14.50 19.17
N PRO A 137 -4.39 -14.25 20.35
CA PRO A 137 -5.77 -14.68 20.65
C PRO A 137 -6.79 -14.11 19.66
N ALA A 138 -7.83 -14.89 19.34
CA ALA A 138 -8.85 -14.47 18.38
C ALA A 138 -9.27 -13.06 18.63
N GLU A 139 -9.62 -12.81 19.88
CA GLU A 139 -10.12 -11.53 20.34
C GLU A 139 -9.20 -10.36 19.99
N ARG A 140 -7.89 -10.54 20.17
CA ARG A 140 -6.90 -9.49 19.90
C ARG A 140 -6.74 -9.24 18.40
N GLN A 141 -6.75 -10.33 17.63
CA GLN A 141 -6.78 -10.24 16.14
C GLN A 141 -8.01 -9.43 15.66
N ARG A 142 -9.13 -9.62 16.34
CA ARG A 142 -10.37 -9.01 15.91
C ARG A 142 -10.37 -7.58 16.38
N GLN A 143 -9.78 -7.34 17.54
CA GLN A 143 -9.58 -5.95 17.96
C GLN A 143 -8.71 -5.17 16.93
N LEU A 144 -7.61 -5.77 16.47
CA LEU A 144 -6.78 -5.13 15.40
C LEU A 144 -7.61 -4.86 14.11
N GLN A 145 -8.42 -5.87 13.77
CA GLN A 145 -9.19 -5.80 12.53
C GLN A 145 -10.13 -4.61 12.60
N ASP A 146 -10.89 -4.53 13.66
CA ASP A 146 -11.84 -3.46 13.81
C ASP A 146 -11.19 -2.09 13.93
N ALA A 147 -10.02 -1.99 14.57
CA ALA A 147 -9.29 -0.70 14.58
C ALA A 147 -8.83 -0.31 13.20
N THR A 148 -8.52 -1.28 12.38
CA THR A 148 -8.00 -0.99 11.04
C THR A 148 -9.19 -0.52 10.18
N VAL A 149 -10.35 -1.18 10.29
CA VAL A 149 -11.55 -0.80 9.56
C VAL A 149 -11.93 0.62 9.97
N ALA A 150 -11.91 0.88 11.29
CA ALA A 150 -12.15 2.23 11.86
C ALA A 150 -11.22 3.28 11.31
N ALA A 151 -9.93 2.97 11.18
CA ALA A 151 -9.02 3.93 10.50
C ALA A 151 -9.50 4.20 9.08
N LEU A 152 -9.93 3.16 8.37
CA LEU A 152 -10.45 3.32 7.00
C LEU A 152 -11.71 4.20 7.00
N ALA A 153 -12.64 3.88 7.89
CA ALA A 153 -13.87 4.62 7.98
C ALA A 153 -13.53 6.10 8.19
N THR A 154 -12.60 6.39 9.11
CA THR A 154 -12.20 7.77 9.44
C THR A 154 -11.63 8.45 8.22
N LEU A 155 -10.77 7.76 7.47
CA LEU A 155 -10.21 8.41 6.23
C LEU A 155 -11.31 8.73 5.21
N HIS A 156 -12.33 7.87 5.16
CA HIS A 156 -13.41 7.99 4.15
C HIS A 156 -14.40 9.08 4.57
N SER A 157 -14.31 9.48 5.83
CA SER A 157 -15.18 10.48 6.43
C SER A 157 -14.62 11.91 6.34
N ILE A 158 -13.46 12.10 5.73
CA ILE A 158 -12.98 13.46 5.57
C ILE A 158 -13.85 14.25 4.59
N PRO A 159 -14.45 15.38 5.06
CA PRO A 159 -15.32 16.25 4.25
C PRO A 159 -14.73 16.80 2.94
N ASN A 160 -15.59 17.06 1.95
CA ASN A 160 -15.17 17.68 0.68
C ASN A 160 -13.88 17.08 0.16
N ALA A 161 -13.89 15.76 0.01
CA ALA A 161 -12.72 15.00 -0.28
C ALA A 161 -12.11 15.43 -1.62
N GLN A 162 -12.93 15.72 -2.63
CA GLN A 162 -12.40 16.05 -3.96
C GLN A 162 -11.80 17.46 -4.01
N ASN A 163 -12.34 18.37 -3.21
CA ASN A 163 -11.74 19.69 -2.99
C ASN A 163 -10.41 19.47 -2.25
N THR A 164 -10.47 18.92 -1.05
CA THR A 164 -9.28 18.81 -0.21
C THR A 164 -8.11 18.10 -0.91
N PHE A 165 -8.44 17.14 -1.78
CA PHE A 165 -7.44 16.24 -2.35
C PHE A 165 -7.39 16.35 -3.86
N SER A 166 -7.73 17.53 -4.35
CA SER A 166 -7.91 17.77 -5.77
C SER A 166 -6.65 17.51 -6.54
N PHE A 167 -5.49 17.68 -5.91
CA PHE A 167 -4.20 17.51 -6.68
C PHE A 167 -4.14 16.05 -7.19
N LEU A 168 -4.91 15.18 -6.53
CA LEU A 168 -4.89 13.77 -6.93
C LEU A 168 -5.42 13.46 -8.34
N THR A 169 -6.31 14.30 -8.89
CA THR A 169 -6.88 14.01 -10.22
C THR A 169 -6.34 14.91 -11.35
N ASP A 175 -15.27 11.85 -16.89
CA ASP A 175 -16.48 11.15 -16.42
C ASP A 175 -16.40 11.20 -14.86
N THR A 176 -16.26 10.06 -14.18
CA THR A 176 -16.09 10.05 -12.72
C THR A 176 -14.67 9.67 -12.33
N THR A 177 -14.45 9.70 -11.01
CA THR A 177 -13.17 9.25 -10.42
C THR A 177 -12.86 7.77 -10.72
N LEU A 178 -13.88 6.89 -10.68
CA LEU A 178 -13.65 5.46 -11.09
C LEU A 178 -13.22 5.34 -12.53
N HIS A 179 -13.91 6.04 -13.45
CA HIS A 179 -13.52 5.93 -14.84
C HIS A 179 -12.06 6.23 -14.95
N ARG A 180 -11.63 7.32 -14.33
CA ARG A 180 -10.25 7.80 -14.42
C ARG A 180 -9.23 6.81 -13.77
N HIS A 181 -9.61 6.33 -12.59
CA HIS A 181 -8.83 5.30 -11.88
C HIS A 181 -8.65 4.07 -12.80
N PHE A 182 -9.75 3.65 -13.45
CA PHE A 182 -9.84 2.51 -14.37
C PHE A 182 -8.92 2.68 -15.56
N ASN A 183 -8.85 3.86 -16.13
CA ASN A 183 -7.90 4.12 -17.23
C ASN A 183 -6.46 4.08 -16.70
N TRP A 184 -6.29 4.43 -15.44
CA TRP A 184 -4.93 4.33 -14.87
C TRP A 184 -4.49 2.85 -14.73
N VAL A 185 -5.39 2.04 -14.18
CA VAL A 185 -5.18 0.59 -14.12
C VAL A 185 -4.90 0.01 -15.48
N ARG A 186 -5.58 0.47 -16.52
CA ARG A 186 -5.28 -0.07 -17.87
C ARG A 186 -3.89 0.33 -18.29
N SER A 187 -3.50 1.59 -18.03
CA SER A 187 -2.09 2.05 -18.24
C SER A 187 -0.98 1.22 -17.52
N TRP A 188 -1.26 0.82 -16.29
CA TRP A 188 -0.41 0.02 -15.47
C TRP A 188 -0.22 -1.38 -16.08
N TYR A 189 -1.33 -2.08 -16.34
CA TYR A 189 -1.30 -3.29 -17.16
C TYR A 189 -0.44 -3.12 -18.42
N ASP A 190 -0.70 -2.08 -19.20
CA ASP A 190 0.07 -1.92 -20.45
C ASP A 190 1.55 -1.80 -20.18
N PHE A 191 1.88 -1.06 -19.11
CA PHE A 191 3.25 -0.87 -18.62
C PHE A 191 3.87 -2.21 -18.30
N ALA A 192 3.13 -3.06 -17.60
CA ALA A 192 3.61 -4.39 -17.16
C ALA A 192 3.81 -5.38 -18.33
N VAL A 193 2.92 -5.28 -19.32
CA VAL A 193 3.06 -6.03 -20.56
C VAL A 193 4.44 -5.79 -21.19
N GLU A 194 4.87 -4.54 -21.21
CA GLU A 194 6.14 -4.17 -21.84
C GLU A 194 7.30 -4.96 -21.17
N GLY A 195 7.09 -5.45 -19.95
CA GLY A 195 8.14 -6.16 -19.20
C GLY A 195 8.02 -7.66 -19.11
N ILE A 196 6.81 -8.19 -19.30
CA ILE A 196 6.63 -9.63 -19.14
C ILE A 196 5.76 -10.35 -20.23
N GLY A 197 5.03 -9.56 -21.04
CA GLY A 197 4.09 -10.12 -21.98
C GLY A 197 2.65 -10.02 -21.50
N ARG A 198 1.73 -10.39 -22.40
CA ARG A 198 0.29 -10.16 -22.15
C ARG A 198 -0.36 -11.26 -21.34
N SER A 199 -1.49 -10.96 -20.73
CA SER A 199 -2.29 -11.97 -20.00
C SER A 199 -3.71 -12.02 -20.56
N PRO A 200 -4.06 -13.11 -21.25
CA PRO A 200 -5.39 -13.15 -21.88
C PRO A 200 -6.43 -13.05 -20.79
N LEU A 201 -6.13 -13.62 -19.63
CA LEU A 201 -7.04 -13.47 -18.50
C LEU A 201 -7.30 -12.00 -18.09
N LEU A 202 -6.23 -11.18 -17.99
CA LEU A 202 -6.45 -9.76 -17.56
C LEU A 202 -7.30 -9.00 -18.58
N GLU A 203 -6.89 -9.14 -19.85
CA GLU A 203 -7.60 -8.62 -21.01
C GLU A 203 -9.10 -8.98 -21.01
N ARG A 204 -9.44 -10.25 -20.86
CA ARG A 204 -10.88 -10.58 -20.67
C ARG A 204 -11.48 -9.97 -19.43
N THR A 205 -10.69 -9.89 -18.37
CA THR A 205 -11.19 -9.23 -17.19
C THR A 205 -11.50 -7.72 -17.37
N PHE A 206 -10.65 -6.98 -18.08
CA PHE A 206 -10.90 -5.59 -18.38
C PHE A 206 -12.18 -5.41 -19.18
N GLU A 207 -12.43 -6.29 -20.17
CA GLU A 207 -13.71 -6.29 -20.93
C GLU A 207 -14.90 -6.55 -20.03
N TRP A 208 -14.74 -7.54 -19.15
CA TRP A 208 -15.71 -7.80 -18.10
C TRP A 208 -16.03 -6.60 -17.21
N LEU A 209 -14.98 -5.98 -16.67
CA LEU A 209 -15.16 -4.82 -15.78
C LEU A 209 -15.91 -3.66 -16.50
N GLN A 210 -15.50 -3.36 -17.75
CA GLN A 210 -16.18 -2.35 -18.61
C GLN A 210 -17.67 -2.63 -18.76
N SER A 211 -18.01 -3.86 -19.12
CA SER A 211 -19.38 -4.21 -19.47
C SER A 211 -20.26 -4.47 -18.24
N HIS A 212 -19.70 -4.40 -17.03
CA HIS A 212 -20.50 -4.63 -15.79
C HIS A 212 -20.19 -3.55 -14.78
N TRP A 213 -19.88 -2.35 -15.31
CA TRP A 213 -19.56 -1.15 -14.50
C TRP A 213 -20.48 -0.97 -13.31
N PRO A 214 -19.93 -0.68 -12.10
CA PRO A 214 -20.80 -0.44 -10.95
C PRO A 214 -21.37 1.01 -10.92
N ASP A 215 -22.39 1.26 -11.72
CA ASP A 215 -22.92 2.63 -11.88
C ASP A 215 -23.27 3.39 -10.60
N ASP A 216 -23.97 2.75 -9.69
CA ASP A 216 -24.34 3.43 -8.50
C ASP A 216 -23.13 3.80 -7.68
N ALA A 217 -22.20 2.85 -7.49
CA ALA A 217 -21.02 3.11 -6.70
C ALA A 217 -20.22 4.25 -7.32
N ALA A 218 -20.05 4.21 -8.64
CA ALA A 218 -19.30 5.21 -9.31
C ALA A 218 -20.01 6.59 -9.38
N ALA A 219 -21.32 6.63 -9.16
CA ALA A 219 -22.04 7.93 -9.18
C ALA A 219 -22.14 8.60 -7.81
N ARG A 220 -21.86 7.87 -6.72
CA ARG A 220 -21.82 8.47 -5.38
C ARG A 220 -20.57 9.36 -5.20
N GLU A 221 -20.59 10.12 -4.12
CA GLU A 221 -19.55 11.03 -3.74
C GLU A 221 -18.23 10.22 -3.51
N PRO A 222 -17.18 10.53 -4.28
CA PRO A 222 -15.90 9.86 -3.98
C PRO A 222 -15.29 10.23 -2.61
N VAL A 223 -14.48 9.34 -2.06
CA VAL A 223 -13.73 9.59 -0.84
C VAL A 223 -12.24 9.53 -1.17
N LEU A 224 -11.41 9.97 -0.23
CA LEU A 224 -9.95 9.75 -0.29
C LEU A 224 -9.69 8.22 -0.18
N LEU A 225 -9.01 7.64 -1.14
CA LEU A 225 -8.70 6.23 -1.03
C LEU A 225 -7.26 5.98 -0.63
N TRP A 226 -7.07 5.23 0.43
CA TRP A 226 -5.74 4.90 0.90
C TRP A 226 -4.96 4.14 -0.19
N GLY A 227 -5.60 3.17 -0.82
CA GLY A 227 -5.00 2.43 -1.90
C GLY A 227 -4.68 1.01 -1.53
N ASP A 228 -3.46 0.78 -1.08
CA ASP A 228 -3.00 -0.49 -0.63
C ASP A 228 -3.46 -0.65 0.81
N ALA A 229 -4.77 -0.58 0.97
CA ALA A 229 -5.41 -0.60 2.26
C ALA A 229 -5.46 -1.99 2.84
N ARG A 230 -4.42 -2.34 3.60
CA ARG A 230 -4.33 -3.68 4.18
C ARG A 230 -3.47 -3.72 5.41
N VAL A 231 -3.69 -4.74 6.25
CA VAL A 231 -3.06 -4.78 7.59
C VAL A 231 -1.51 -4.77 7.52
N GLY A 232 -0.97 -5.26 6.41
CA GLY A 232 0.48 -5.29 6.21
C GLY A 232 1.10 -3.93 5.93
N ASN A 233 0.27 -2.91 5.84
CA ASN A 233 0.74 -1.55 5.62
C ASN A 233 0.41 -0.61 6.82
N VAL A 234 0.24 -1.21 7.99
CA VAL A 234 -0.03 -0.52 9.24
C VAL A 234 0.96 -1.02 10.32
N LEU A 235 1.62 -0.06 11.00
CA LEU A 235 2.43 -0.35 12.15
C LEU A 235 1.47 -0.41 13.35
N TYR A 236 1.64 -1.38 14.24
CA TYR A 236 0.70 -1.56 15.38
C TYR A 236 1.45 -1.60 16.71
N ARG A 237 0.87 -1.05 17.76
CA ARG A 237 1.42 -1.29 19.11
C ARG A 237 0.22 -1.68 19.92
N ASP A 238 0.31 -2.85 20.51
CA ASP A 238 -0.76 -3.41 21.27
C ASP A 238 -2.11 -3.61 20.51
N PHE A 239 -1.97 -4.10 19.27
CA PHE A 239 -3.13 -4.32 18.38
C PHE A 239 -3.94 -3.09 18.03
N GLN A 240 -3.35 -1.91 18.19
CA GLN A 240 -3.95 -0.69 17.73
C GLN A 240 -2.98 -0.06 16.73
N PRO A 241 -3.50 0.57 15.64
CA PRO A 241 -2.67 1.25 14.66
C PRO A 241 -1.88 2.43 15.25
N VAL A 242 -0.61 2.50 14.89
CA VAL A 242 0.21 3.63 15.31
C VAL A 242 0.79 4.37 14.15
N ALA A 243 0.78 3.78 12.93
CA ALA A 243 1.11 4.51 11.73
C ALA A 243 0.47 3.79 10.57
N VAL A 244 -0.25 4.54 9.75
CA VAL A 244 -0.74 4.03 8.49
C VAL A 244 0.26 4.34 7.38
N LEU A 245 0.75 3.31 6.70
CA LEU A 245 1.85 3.47 5.73
C LEU A 245 1.44 3.21 4.29
N ASP A 246 2.37 3.50 3.38
CA ASP A 246 2.32 2.98 2.02
C ASP A 246 1.15 3.55 1.23
N TRP A 247 1.26 4.85 0.93
CA TRP A 247 0.19 5.64 0.30
C TRP A 247 0.49 5.71 -1.22
N GLU A 248 1.24 4.78 -1.75
CA GLU A 248 1.58 4.96 -3.19
C GLU A 248 0.43 4.79 -4.20
N MET A 249 -0.63 4.10 -3.77
CA MET A 249 -1.83 3.92 -4.64
C MET A 249 -2.99 4.81 -4.20
N VAL A 250 -2.67 5.84 -3.39
CA VAL A 250 -3.68 6.83 -2.91
C VAL A 250 -4.37 7.44 -4.15
N ALA A 251 -5.64 7.70 -4.02
CA ALA A 251 -6.40 8.22 -5.16
C ALA A 251 -7.71 8.76 -4.61
N LEU A 252 -8.57 9.32 -5.49
CA LEU A 252 -9.96 9.62 -5.13
C LEU A 252 -10.80 8.62 -5.90
N GLY A 253 -11.85 8.09 -5.29
CA GLY A 253 -12.60 7.06 -5.98
C GLY A 253 -13.69 6.62 -5.06
N PRO A 254 -14.47 5.59 -5.47
CA PRO A 254 -15.53 5.11 -4.60
C PRO A 254 -15.03 4.38 -3.37
N ARG A 255 -15.72 4.53 -2.24
CA ARG A 255 -15.20 3.94 -1.02
C ARG A 255 -15.06 2.41 -1.05
N GLU A 256 -15.81 1.78 -1.95
CA GLU A 256 -15.83 0.32 -2.10
C GLU A 256 -14.45 -0.21 -2.47
N LEU A 257 -13.69 0.55 -3.27
CA LEU A 257 -12.40 0.11 -3.70
C LEU A 257 -11.55 -0.23 -2.47
N ASP A 258 -11.45 0.69 -1.49
CA ASP A 258 -10.57 0.49 -0.32
C ASP A 258 -11.08 -0.68 0.48
N VAL A 259 -12.40 -0.75 0.66
CA VAL A 259 -12.94 -1.80 1.54
C VAL A 259 -12.77 -3.18 0.89
N ALA A 260 -13.14 -3.28 -0.39
CA ALA A 260 -12.88 -4.52 -1.16
C ALA A 260 -11.40 -4.90 -1.09
N TRP A 261 -10.50 -3.92 -1.25
CA TRP A 261 -9.05 -4.23 -1.33
C TRP A 261 -8.57 -4.90 -0.04
N MET A 262 -8.99 -4.33 1.08
CA MET A 262 -8.65 -4.82 2.39
C MET A 262 -9.11 -6.23 2.60
N ILE A 263 -10.34 -6.53 2.17
CA ILE A 263 -10.88 -7.89 2.34
C ILE A 263 -10.16 -8.89 1.39
N PHE A 264 -10.07 -8.49 0.13
CA PHE A 264 -9.48 -9.30 -0.92
C PHE A 264 -8.03 -9.58 -0.60
N ALA A 265 -7.37 -8.60 0.01
CA ALA A 265 -5.89 -8.75 0.27
C ALA A 265 -5.64 -9.95 1.15
N HIS A 266 -6.50 -10.10 2.15
CA HIS A 266 -6.40 -11.16 3.10
C HIS A 266 -6.80 -12.48 2.41
N ARG A 267 -7.76 -12.38 1.47
CA ARG A 267 -8.12 -13.56 0.67
C ARG A 267 -6.95 -14.10 -0.14
N VAL A 268 -6.17 -13.20 -0.77
CA VAL A 268 -4.99 -13.63 -1.51
C VAL A 268 -4.04 -14.45 -0.60
N PHE A 269 -3.81 -13.96 0.63
CA PHE A 269 -2.93 -14.60 1.63
C PHE A 269 -3.56 -15.90 2.19
N GLN A 270 -4.89 -15.98 2.27
CA GLN A 270 -5.55 -17.22 2.63
C GLN A 270 -5.28 -18.28 1.57
N GLU A 271 -5.38 -17.87 0.32
CA GLU A 271 -5.08 -18.72 -0.82
C GLU A 271 -3.64 -19.21 -0.85
N LEU A 272 -2.69 -18.32 -0.59
CA LEU A 272 -1.29 -18.67 -0.48
C LEU A 272 -1.06 -19.66 0.65
N ALA A 273 -1.64 -19.40 1.83
CA ALA A 273 -1.58 -20.35 2.96
C ALA A 273 -2.14 -21.75 2.57
N GLY A 274 -3.27 -21.78 1.84
CA GLY A 274 -3.87 -23.04 1.32
C GLY A 274 -2.91 -23.84 0.43
N LEU A 275 -2.14 -23.13 -0.39
CA LEU A 275 -1.20 -23.73 -1.34
C LEU A 275 0.06 -24.21 -0.62
N ALA A 276 0.33 -23.69 0.57
CA ALA A 276 1.46 -24.15 1.37
C ALA A 276 0.91 -25.21 2.29
N THR A 277 -0.25 -25.72 1.91
CA THR A 277 -1.13 -26.52 2.75
C THR A 277 -1.21 -26.10 4.25
N LEU A 278 -1.36 -24.82 4.53
CA LEU A 278 -1.60 -24.34 5.88
C LEU A 278 -3.02 -23.88 5.99
N PRO A 279 -3.57 -23.89 7.20
CA PRO A 279 -4.95 -23.44 7.40
C PRO A 279 -5.15 -21.89 7.35
N GLY A 280 -4.09 -21.09 7.50
CA GLY A 280 -4.26 -19.64 7.52
C GLY A 280 -5.14 -19.10 8.64
N LEU A 281 -5.87 -18.03 8.33
CA LEU A 281 -6.65 -17.35 9.29
C LEU A 281 -8.07 -17.04 8.71
N PRO A 282 -8.95 -18.07 8.70
CA PRO A 282 -10.24 -17.98 8.01
C PRO A 282 -11.22 -17.02 8.70
N GLU A 283 -10.99 -16.71 9.98
CA GLU A 283 -11.90 -15.85 10.70
C GLU A 283 -11.45 -14.38 10.58
N VAL A 284 -10.30 -14.13 9.97
CA VAL A 284 -9.85 -12.74 9.87
C VAL A 284 -10.40 -12.10 8.58
N MET A 285 -10.84 -10.84 8.68
CA MET A 285 -11.22 -10.02 7.54
C MET A 285 -12.26 -10.62 6.67
N ARG A 286 -13.26 -11.18 7.30
CA ARG A 286 -14.39 -11.74 6.57
C ARG A 286 -15.19 -10.56 6.02
N GLU A 287 -15.72 -10.71 4.78
CA GLU A 287 -16.54 -9.69 4.22
C GLU A 287 -17.66 -9.34 5.17
N ASP A 288 -18.36 -10.31 5.69
CA ASP A 288 -19.49 -9.96 6.58
C ASP A 288 -19.07 -9.12 7.80
N ASP A 289 -18.00 -9.53 8.48
CA ASP A 289 -17.52 -8.77 9.64
C ASP A 289 -17.07 -7.37 9.26
N VAL A 290 -16.29 -7.24 8.17
CA VAL A 290 -15.76 -5.97 7.72
C VAL A 290 -16.84 -4.98 7.24
N ARG A 291 -17.82 -5.48 6.48
CA ARG A 291 -18.93 -4.66 6.05
C ARG A 291 -19.70 -4.17 7.28
N ALA A 292 -19.95 -5.03 8.23
CA ALA A 292 -20.80 -4.66 9.39
C ALA A 292 -20.15 -3.58 10.24
N THR A 293 -18.85 -3.75 10.49
CA THR A 293 -18.09 -2.77 11.26
C THR A 293 -18.02 -1.48 10.51
N TYR A 294 -17.61 -1.54 9.25
CA TYR A 294 -17.52 -0.33 8.48
C TYR A 294 -18.86 0.40 8.44
N GLN A 295 -19.94 -0.36 8.24
CA GLN A 295 -21.25 0.25 8.07
C GLN A 295 -21.71 0.82 9.42
N ALA A 296 -21.41 0.13 10.52
CA ALA A 296 -21.76 0.63 11.88
C ALA A 296 -21.07 1.95 12.18
N LEU A 297 -19.90 2.19 11.59
CA LEU A 297 -19.08 3.30 12.00
C LEU A 297 -19.34 4.52 11.18
N THR A 298 -19.68 4.33 9.91
CA THR A 298 -19.87 5.43 8.98
C THR A 298 -21.36 5.69 8.73
N GLY A 299 -22.24 4.85 9.26
CA GLY A 299 -23.67 4.88 8.85
C GLY A 299 -23.91 4.81 7.34
N VAL A 300 -22.87 4.49 6.55
CA VAL A 300 -22.99 4.44 5.09
C VAL A 300 -23.06 3.00 4.59
N GLU A 301 -24.10 2.72 3.78
CA GLU A 301 -24.25 1.40 3.13
C GLU A 301 -23.25 1.27 1.96
N LEU A 302 -22.54 0.14 1.94
CA LEU A 302 -21.59 -0.11 0.90
C LEU A 302 -22.28 -0.84 -0.28
N GLY A 303 -21.88 -0.49 -1.50
CA GLY A 303 -22.29 -1.19 -2.73
C GLY A 303 -21.83 -2.63 -2.67
N ASP A 304 -22.34 -3.48 -3.56
CA ASP A 304 -21.90 -4.86 -3.65
C ASP A 304 -20.44 -4.80 -3.98
N LEU A 305 -19.59 -5.48 -3.20
CA LEU A 305 -18.12 -5.39 -3.45
C LEU A 305 -17.55 -6.21 -4.64
N HIS A 306 -18.39 -7.03 -5.25
CA HIS A 306 -17.98 -8.07 -6.22
C HIS A 306 -17.12 -7.50 -7.35
N TRP A 307 -17.58 -6.40 -7.93
CA TRP A 307 -16.87 -5.78 -9.03
C TRP A 307 -15.49 -5.29 -8.52
N PHE A 308 -15.45 -4.82 -7.28
CA PHE A 308 -14.24 -4.26 -6.67
C PHE A 308 -13.26 -5.34 -6.21
N TYR A 309 -13.78 -6.52 -5.86
CA TYR A 309 -12.88 -7.71 -5.76
C TYR A 309 -12.22 -8.04 -7.09
N VAL A 310 -13.04 -8.15 -8.15
CA VAL A 310 -12.49 -8.47 -9.47
C VAL A 310 -11.39 -7.42 -9.82
N TYR A 311 -11.70 -6.14 -9.65
CA TYR A 311 -10.77 -5.04 -9.89
C TYR A 311 -9.46 -5.11 -9.05
N SER A 312 -9.57 -5.38 -7.76
CA SER A 312 -8.40 -5.65 -6.90
C SER A 312 -7.61 -6.81 -7.46
N GLY A 313 -8.30 -7.85 -7.94
CA GLY A 313 -7.56 -9.00 -8.55
C GLY A 313 -6.73 -8.56 -9.76
N VAL A 314 -7.23 -7.61 -10.59
CA VAL A 314 -6.43 -7.16 -11.75
C VAL A 314 -5.20 -6.39 -11.23
N MET A 315 -5.42 -5.53 -10.24
CA MET A 315 -4.33 -4.75 -9.65
C MET A 315 -3.26 -5.64 -9.02
N TRP A 316 -3.68 -6.62 -8.20
CA TRP A 316 -2.74 -7.64 -7.70
C TRP A 316 -1.94 -8.37 -8.82
N ALA A 317 -2.64 -8.71 -9.91
CA ALA A 317 -2.00 -9.39 -11.05
C ALA A 317 -0.96 -8.49 -11.65
N CYS A 318 -1.29 -7.23 -11.76
CA CYS A 318 -0.34 -6.24 -12.24
C CYS A 318 0.94 -6.19 -11.38
N VAL A 319 0.81 -6.23 -10.06
CA VAL A 319 1.95 -6.23 -9.13
C VAL A 319 2.76 -7.47 -9.38
N PHE A 320 2.08 -8.61 -9.47
CA PHE A 320 2.77 -9.86 -9.77
C PHE A 320 3.51 -9.86 -11.11
N MET A 321 2.94 -9.21 -12.14
CA MET A 321 3.67 -9.11 -13.42
C MET A 321 4.96 -8.30 -13.25
N ARG A 322 4.90 -7.27 -12.41
CA ARG A 322 6.07 -6.39 -12.14
C ARG A 322 7.12 -7.08 -11.27
N THR A 323 6.68 -7.72 -10.18
CA THR A 323 7.49 -8.69 -9.39
C THR A 323 8.19 -9.70 -10.28
N GLY A 324 7.45 -10.30 -11.20
CA GLY A 324 7.95 -11.21 -12.20
C GLY A 324 9.03 -10.59 -13.10
N ALA A 325 8.74 -9.49 -13.77
CA ALA A 325 9.76 -8.78 -14.57
C ALA A 325 11.09 -8.54 -13.79
N ARG A 326 11.01 -8.20 -12.50
CA ARG A 326 12.15 -7.80 -11.69
C ARG A 326 12.91 -9.05 -11.34
N ARG A 327 12.18 -10.11 -10.95
CA ARG A 327 12.84 -11.38 -10.64
C ARG A 327 13.60 -11.96 -11.81
N VAL A 328 13.06 -11.91 -13.02
CA VAL A 328 13.80 -12.42 -14.15
C VAL A 328 14.92 -11.47 -14.55
N HIS A 329 14.69 -10.17 -14.49
CA HIS A 329 15.76 -9.24 -14.80
C HIS A 329 16.97 -9.53 -13.90
N PHE A 330 16.73 -9.77 -12.62
CA PHE A 330 17.82 -10.00 -11.72
C PHE A 330 18.25 -11.46 -11.64
N GLY A 331 17.80 -12.29 -12.59
CA GLY A 331 18.18 -13.71 -12.65
C GLY A 331 17.62 -14.61 -11.55
N GLU A 332 17.01 -13.99 -10.54
CA GLU A 332 16.52 -14.70 -9.36
C GLU A 332 15.51 -15.84 -9.59
N ILE A 333 14.74 -15.77 -10.68
CA ILE A 333 13.80 -16.81 -11.19
C ILE A 333 13.85 -16.86 -12.73
N GLU A 334 13.36 -17.95 -13.30
CA GLU A 334 13.36 -18.10 -14.76
C GLU A 334 12.00 -17.67 -15.30
N LYS A 335 12.00 -16.86 -16.36
CA LYS A 335 10.77 -16.35 -16.93
C LYS A 335 9.78 -17.53 -16.97
N PRO A 336 8.55 -17.34 -16.45
CA PRO A 336 7.63 -18.45 -16.67
C PRO A 336 7.13 -18.30 -18.11
N ASP A 337 6.71 -19.39 -18.72
CA ASP A 337 6.34 -19.31 -20.12
C ASP A 337 4.91 -18.81 -20.27
N ASP A 338 4.06 -19.06 -19.28
CA ASP A 338 2.76 -18.38 -19.17
C ASP A 338 2.76 -17.50 -17.91
N VAL A 339 2.80 -16.17 -18.15
CA VAL A 339 2.76 -15.15 -17.09
C VAL A 339 1.67 -15.40 -16.05
N GLU A 340 0.56 -15.97 -16.49
CA GLU A 340 -0.55 -16.28 -15.59
C GLU A 340 -0.15 -17.31 -14.53
N SER A 341 1.00 -17.95 -14.72
CA SER A 341 1.51 -18.85 -13.69
C SER A 341 1.89 -18.14 -12.41
N LEU A 342 2.16 -16.84 -12.56
CA LEU A 342 2.47 -15.98 -11.42
C LEU A 342 1.25 -15.50 -10.66
N PHE A 343 0.04 -15.84 -11.13
CA PHE A 343 -1.10 -15.24 -10.51
C PHE A 343 -1.74 -16.27 -9.57
N TYR A 344 -1.26 -16.33 -8.30
CA TYR A 344 -1.78 -17.27 -7.26
C TYR A 344 -3.32 -17.29 -7.24
N HIS A 345 -3.88 -16.11 -7.50
CA HIS A 345 -5.29 -15.80 -7.37
C HIS A 345 -6.11 -15.90 -8.65
N ALA A 346 -5.52 -16.40 -9.74
CA ALA A 346 -6.21 -16.54 -11.02
C ALA A 346 -7.49 -17.40 -10.81
N GLY A 347 -7.33 -18.50 -10.09
CA GLY A 347 -8.44 -19.36 -9.71
C GLY A 347 -9.52 -18.55 -9.05
N LEU A 348 -9.16 -17.73 -8.05
CA LEU A 348 -10.15 -16.89 -7.31
C LEU A 348 -10.97 -16.04 -8.27
N MET A 349 -10.24 -15.42 -9.18
CA MET A 349 -10.79 -14.45 -10.13
C MET A 349 -11.71 -15.17 -11.16
N LYS A 350 -11.27 -16.34 -11.64
CA LYS A 350 -12.08 -17.13 -12.58
C LYS A 350 -13.40 -17.38 -11.93
N HIS A 351 -13.41 -17.76 -10.65
CA HIS A 351 -14.69 -18.02 -10.00
C HIS A 351 -15.53 -16.75 -9.75
N LEU A 352 -14.88 -15.63 -9.45
CA LEU A 352 -15.66 -14.39 -9.28
C LEU A 352 -16.34 -14.01 -10.63
N LEU A 353 -15.57 -14.09 -11.71
CA LEU A 353 -16.04 -13.76 -13.06
C LEU A 353 -17.20 -14.67 -13.47
N GLY A 354 -17.19 -15.91 -13.02
CA GLY A 354 -18.32 -16.78 -13.27
C GLY A 354 -19.59 -16.43 -12.51
N GLU A 355 -19.55 -15.43 -11.64
CA GLU A 355 -20.74 -15.10 -10.81
C GLU A 355 -21.63 -14.08 -11.53
N GLU A 356 -22.90 -13.98 -11.13
CA GLU A 356 -23.79 -12.94 -11.66
C GLU A 356 -24.41 -12.06 -10.59
N HIS A 357 -24.02 -10.78 -10.59
CA HIS A 357 -24.50 -9.82 -9.57
C HIS A 357 -25.31 -8.68 -10.16
#